data_6VHS
#
_entry.id   6VHS
#
_cell.length_a   45.250
_cell.length_b   106.920
_cell.length_c   47.870
_cell.angle_alpha   90.000
_cell.angle_beta   101.810
_cell.angle_gamma   90.000
#
_symmetry.space_group_name_H-M   'P 1 21 1'
#
loop_
_entity.id
_entity.type
_entity.pdbx_description
1 polymer Beta-lactamase
2 non-polymer '(2R)-({[(3R,6S)-6-carbamoyl-1-formyl-4-methyl-1,2,3,6-tetrahydropyridin-3-yl]amino}oxy)(fluoro)acetic acid'
3 non-polymer 'PHOSPHATE ION'
4 water water
#
_entity_poly.entity_id   1
_entity_poly.type   'polypeptide(L)'
_entity_poly.pdbx_seq_one_letter_code
;(PCA)TSAVQQKLAALEKSSGGRLGVALIDTADNTQVLYRGDERFPMCSTSKVMAAAAVLKQSETQKQLLNQPVEIKPAD
LVNYNPIAEKHVNGTMTLAELSAAALQYSDNTAMNKLIAQLGGPGGVTAFARAIGDETFRLDRTEPTLNTAIPGDPRDTT
TPRAMAQTLRQLTLGHALGETQRAQLVTWLKGNTTGAASIRAGLPTSWTVGDKTGSGDYGTTNDIAVIWPQGRAPLVLVT
YFTQPQQNAESRRDVLASAARIIAEGL
;
_entity_poly.pdbx_strand_id   A,B
#
loop_
_chem_comp.id
_chem_comp.type
_chem_comp.name
_chem_comp.formula
PO4 non-polymer 'PHOSPHATE ION' 'O4 P -3'
X57 non-polymer '(2R)-({[(3R,6S)-6-carbamoyl-1-formyl-4-methyl-1,2,3,6-tetrahydropyridin-3-yl]amino}oxy)(fluoro)acetic acid' 'C10 H14 F N3 O5'
#
# COMPACT_ATOMS: atom_id res chain seq x y z
N PCA A 1 32.76 0.25 17.30
CA PCA A 1 32.70 -1.15 16.93
CB PCA A 1 32.10 -1.81 18.21
CG PCA A 1 31.31 -0.69 18.84
CD PCA A 1 32.01 0.56 18.35
OE PCA A 1 31.91 1.69 18.86
C PCA A 1 31.82 -1.40 15.71
O PCA A 1 31.00 -0.54 15.30
N THR A 2 31.93 -2.59 15.13
CA THR A 2 31.01 -3.07 14.12
C THR A 2 30.23 -4.27 14.68
N SER A 3 28.93 -4.21 14.75
CA SER A 3 28.04 -5.29 15.24
C SER A 3 27.78 -6.31 14.10
N ALA A 4 27.24 -7.46 14.45
CA ALA A 4 26.81 -8.51 13.50
C ALA A 4 25.81 -7.91 12.51
N VAL A 5 24.90 -7.11 13.05
CA VAL A 5 23.86 -6.49 12.17
C VAL A 5 24.54 -5.54 11.20
N GLN A 6 25.50 -4.75 11.66
CA GLN A 6 26.16 -3.82 10.72
C GLN A 6 26.93 -4.58 9.65
N GLN A 7 27.56 -5.69 10.03
CA GLN A 7 28.29 -6.53 9.04
C GLN A 7 27.36 -7.12 7.98
N LYS A 8 26.19 -7.56 8.42
CA LYS A 8 25.20 -8.04 7.45
C LYS A 8 24.71 -6.94 6.53
N LEU A 9 24.51 -5.73 7.08
CA LEU A 9 24.06 -4.60 6.24
C LEU A 9 25.17 -4.26 5.24
N ALA A 10 26.44 -4.34 5.68
CA ALA A 10 27.58 -4.10 4.75
C ALA A 10 27.63 -5.15 3.62
N ALA A 11 27.33 -6.43 3.94
CA ALA A 11 27.32 -7.48 2.91
C ALA A 11 26.18 -7.24 1.92
N LEU A 12 25.00 -6.86 2.46
CA LEU A 12 23.85 -6.53 1.59
C LEU A 12 24.27 -5.41 0.65
N GLU A 13 24.88 -4.35 1.24
CA GLU A 13 25.25 -3.17 0.45
C GLU A 13 26.22 -3.61 -0.68
N LYS A 14 27.23 -4.39 -0.28
CA LYS A 14 28.25 -4.79 -1.30
C LYS A 14 27.58 -5.51 -2.46
N SER A 15 26.63 -6.38 -2.23
CA SER A 15 25.92 -7.12 -3.31
C SER A 15 24.96 -6.23 -4.09
N SER A 16 24.59 -5.08 -3.57
CA SER A 16 23.56 -4.21 -4.18
C SER A 16 24.17 -3.33 -5.28
N GLY A 17 25.45 -3.07 -5.21
CA GLY A 17 26.21 -2.08 -6.01
C GLY A 17 26.02 -0.63 -5.55
N GLY A 18 25.07 -0.32 -4.64
CA GLY A 18 24.78 1.09 -4.29
C GLY A 18 25.27 1.40 -2.91
N ARG A 19 24.72 2.46 -2.36
CA ARG A 19 25.06 2.99 -1.02
C ARG A 19 23.81 2.98 -0.18
N LEU A 20 23.88 2.29 0.95
CA LEU A 20 22.74 2.05 1.87
C LEU A 20 22.96 2.81 3.15
N GLY A 21 21.91 3.45 3.63
CA GLY A 21 21.87 4.14 4.92
C GLY A 21 20.75 3.63 5.77
N VAL A 22 21.01 3.29 7.02
CA VAL A 22 19.96 2.72 7.90
C VAL A 22 20.04 3.38 9.27
N ALA A 23 18.90 3.71 9.85
CA ALA A 23 18.85 4.08 11.24
C ALA A 23 17.63 3.47 11.85
N LEU A 24 17.82 2.75 12.94
CA LEU A 24 16.79 2.17 13.82
C LEU A 24 16.76 2.85 15.17
N ILE A 25 15.61 3.21 15.68
CA ILE A 25 15.46 3.51 17.14
C ILE A 25 14.48 2.49 17.67
N ASP A 26 14.90 1.72 18.67
CA ASP A 26 13.99 0.80 19.40
C ASP A 26 13.48 1.51 20.61
N THR A 27 12.23 1.93 20.63
CA THR A 27 11.70 2.69 21.80
C THR A 27 11.51 1.76 23.03
N ALA A 28 11.77 0.45 22.97
CA ALA A 28 11.80 -0.47 24.18
C ALA A 28 12.93 -0.03 25.09
N ASP A 29 14.05 0.49 24.57
CA ASP A 29 15.25 0.82 25.38
C ASP A 29 15.94 2.10 24.88
N ASN A 30 15.43 2.71 23.84
CA ASN A 30 15.99 3.92 23.18
C ASN A 30 17.31 3.61 22.48
N THR A 31 17.64 2.40 22.29
CA THR A 31 18.89 2.04 21.59
C THR A 31 18.74 2.22 20.08
N GLN A 32 19.88 2.26 19.44
CA GLN A 32 19.94 2.60 18.01
C GLN A 32 20.81 1.63 17.30
N VAL A 33 20.50 1.40 16.05
CA VAL A 33 21.43 0.73 15.16
C VAL A 33 21.58 1.65 13.97
N LEU A 34 22.78 1.90 13.55
CA LEU A 34 23.07 2.82 12.43
C LEU A 34 23.98 2.17 11.43
N TYR A 35 23.77 2.45 10.16
CA TYR A 35 24.69 2.03 9.08
C TYR A 35 24.78 3.23 8.16
N ARG A 36 25.94 3.83 8.03
CA ARG A 36 26.09 5.11 7.33
C ARG A 36 25.12 6.13 7.90
N GLY A 37 24.97 6.13 9.22
CA GLY A 37 23.89 6.93 9.83
C GLY A 37 24.09 8.42 9.74
N ASP A 38 25.32 8.88 9.58
CA ASP A 38 25.66 10.30 9.49
C ASP A 38 26.05 10.69 8.08
N GLU A 39 25.82 9.86 7.09
CA GLU A 39 26.01 10.23 5.68
C GLU A 39 24.72 10.84 5.14
N ARG A 40 24.87 11.77 4.18
CA ARG A 40 23.71 12.47 3.57
C ARG A 40 23.18 11.67 2.37
N PHE A 41 21.84 11.57 2.27
CA PHE A 41 21.14 10.90 1.20
C PHE A 41 20.04 11.82 0.70
N PRO A 42 19.70 11.74 -0.59
CA PRO A 42 18.56 12.50 -1.09
C PRO A 42 17.27 11.94 -0.53
N MET A 43 16.39 12.77 -0.01
CA MET A 43 15.15 12.29 0.61
C MET A 43 14.09 11.89 -0.40
N CYS A 44 14.00 12.57 -1.52
CA CYS A 44 12.91 12.40 -2.49
C CYS A 44 11.58 12.52 -1.74
N SER A 45 10.60 11.67 -2.05
CA SER A 45 9.21 11.82 -1.50
C SER A 45 9.16 11.62 0.03
N THR A 46 10.21 11.10 0.64
CA THR A 46 10.15 10.98 2.10
C THR A 46 10.12 12.35 2.78
N SER A 47 10.53 13.42 2.11
CA SER A 47 10.45 14.77 2.64
C SER A 47 9.01 15.22 2.83
N LYS A 48 8.04 14.55 2.24
N LYS A 48 8.04 14.55 2.24
CA LYS A 48 6.62 14.90 2.40
CA LYS A 48 6.62 14.90 2.40
C LYS A 48 6.17 14.77 3.84
C LYS A 48 6.17 14.77 3.84
N VAL A 49 6.79 13.88 4.60
CA VAL A 49 6.42 13.78 6.02
C VAL A 49 6.68 15.08 6.75
N MET A 50 7.85 15.68 6.53
CA MET A 50 8.19 16.93 7.24
CA MET A 50 8.19 16.93 7.24
C MET A 50 7.22 18.04 6.80
N ALA A 51 6.89 18.11 5.50
CA ALA A 51 5.98 19.18 5.05
C ALA A 51 4.59 19.00 5.64
N ALA A 52 4.06 17.80 5.62
CA ALA A 52 2.73 17.53 6.17
C ALA A 52 2.74 17.83 7.66
N ALA A 53 3.77 17.43 8.38
CA ALA A 53 3.87 17.72 9.82
C ALA A 53 3.92 19.21 10.06
N ALA A 54 4.62 19.96 9.23
CA ALA A 54 4.75 21.41 9.46
C ALA A 54 3.37 22.06 9.32
N VAL A 55 2.54 21.62 8.39
CA VAL A 55 1.16 22.16 8.23
C VAL A 55 0.34 21.68 9.41
N LEU A 56 0.47 20.43 9.88
CA LEU A 56 -0.21 20.05 11.12
C LEU A 56 0.19 20.98 12.25
N LYS A 57 1.44 21.32 12.40
CA LYS A 57 1.84 22.24 13.47
C LYS A 57 1.12 23.57 13.28
N GLN A 58 1.05 24.14 12.09
CA GLN A 58 0.29 25.40 11.87
C GLN A 58 -1.14 25.20 12.30
N SER A 59 -1.72 24.04 12.09
CA SER A 59 -3.14 23.81 12.38
C SER A 59 -3.37 23.81 13.88
N GLU A 60 -2.37 23.68 14.72
CA GLU A 60 -2.60 23.69 16.18
C GLU A 60 -3.14 25.04 16.60
N THR A 61 -2.85 26.12 15.92
CA THR A 61 -3.36 27.46 16.27
C THR A 61 -4.43 27.91 15.32
N GLN A 62 -4.89 27.06 14.41
CA GLN A 62 -5.96 27.45 13.44
C GLN A 62 -6.84 26.21 13.22
N LYS A 63 -7.92 26.16 13.97
CA LYS A 63 -8.81 24.97 13.97
C LYS A 63 -9.33 24.67 12.59
N GLN A 64 -9.52 25.65 11.73
CA GLN A 64 -10.11 25.37 10.40
C GLN A 64 -9.06 25.25 9.28
N LEU A 65 -7.76 25.33 9.61
CA LEU A 65 -6.71 25.36 8.56
C LEU A 65 -6.83 24.12 7.64
N LEU A 66 -7.04 22.96 8.20
CA LEU A 66 -7.02 21.74 7.36
C LEU A 66 -8.22 21.71 6.43
N ASN A 67 -9.25 22.54 6.68
CA ASN A 67 -10.41 22.67 5.76
C ASN A 67 -10.23 23.81 4.78
N GLN A 68 -9.11 24.50 4.79
N GLN A 68 -9.12 24.54 4.80
CA GLN A 68 -8.91 25.64 3.90
CA GLN A 68 -8.95 25.66 3.85
C GLN A 68 -8.70 25.16 2.46
C GLN A 68 -8.73 25.14 2.45
N PRO A 69 -9.44 25.70 1.47
CA PRO A 69 -9.29 25.27 0.09
C PRO A 69 -8.06 25.88 -0.54
N VAL A 70 -7.45 25.16 -1.45
CA VAL A 70 -6.30 25.60 -2.26
C VAL A 70 -6.68 25.33 -3.71
N GLU A 71 -6.52 26.31 -4.55
CA GLU A 71 -6.78 26.17 -5.99
C GLU A 71 -5.72 25.31 -6.65
N ILE A 72 -6.15 24.43 -7.54
CA ILE A 72 -5.28 23.59 -8.38
C ILE A 72 -5.49 24.04 -9.84
N LYS A 73 -4.48 24.51 -10.46
CA LYS A 73 -4.57 24.97 -11.87
C LYS A 73 -3.78 24.03 -12.75
N PRO A 74 -4.06 23.97 -14.08
CA PRO A 74 -3.30 23.12 -14.98
C PRO A 74 -1.79 23.29 -14.86
N ALA A 75 -1.32 24.50 -14.64
CA ALA A 75 0.11 24.83 -14.58
C ALA A 75 0.70 24.17 -13.34
N ASP A 76 -0.14 23.80 -12.36
CA ASP A 76 0.42 23.24 -11.11
C ASP A 76 0.81 21.80 -11.28
N LEU A 77 0.29 21.09 -12.27
CA LEU A 77 0.59 19.67 -12.38
C LEU A 77 2.05 19.50 -12.70
N VAL A 78 2.70 18.54 -12.06
CA VAL A 78 4.13 18.18 -12.29
C VAL A 78 4.20 16.74 -12.79
N ASN A 79 5.11 15.92 -12.29
CA ASN A 79 5.47 14.65 -12.96
C ASN A 79 4.63 13.50 -12.44
N TYR A 80 3.96 13.59 -11.32
CA TYR A 80 3.18 12.48 -10.72
C TYR A 80 2.14 13.12 -9.81
N ASN A 81 0.88 13.10 -10.18
N ASN A 81 0.86 13.14 -10.23
CA ASN A 81 -0.09 13.87 -9.38
CA ASN A 81 -0.25 13.96 -9.68
C ASN A 81 -1.44 13.24 -9.62
C ASN A 81 -1.55 13.17 -9.69
N PRO A 82 -1.61 11.94 -9.23
CA PRO A 82 -2.84 11.23 -9.55
C PRO A 82 -4.06 11.80 -8.84
N ILE A 83 -3.91 12.42 -7.66
CA ILE A 83 -5.07 12.98 -6.94
C ILE A 83 -5.28 14.39 -7.45
N ALA A 84 -4.24 15.22 -7.53
CA ALA A 84 -4.43 16.64 -7.90
C ALA A 84 -5.01 16.75 -9.31
N GLU A 85 -4.67 15.85 -10.22
CA GLU A 85 -5.19 16.04 -11.59
C GLU A 85 -6.70 15.91 -11.63
N LYS A 86 -7.34 15.25 -10.69
CA LYS A 86 -8.80 15.16 -10.68
C LYS A 86 -9.43 16.47 -10.23
N HIS A 87 -8.66 17.39 -9.68
CA HIS A 87 -9.19 18.63 -9.12
C HIS A 87 -8.68 19.86 -9.81
N VAL A 88 -8.07 19.69 -10.98
N VAL A 88 -8.05 19.72 -10.97
CA VAL A 88 -7.65 20.84 -11.81
CA VAL A 88 -7.55 20.89 -11.72
C VAL A 88 -8.86 21.77 -12.07
C VAL A 88 -8.75 21.75 -12.16
N ASN A 89 -8.61 23.07 -12.02
CA ASN A 89 -9.70 24.08 -12.14
C ASN A 89 -10.67 23.98 -10.98
N GLY A 90 -10.30 23.31 -9.91
CA GLY A 90 -11.05 23.30 -8.66
C GLY A 90 -10.10 23.48 -7.47
N THR A 91 -10.51 22.91 -6.38
CA THR A 91 -9.77 23.05 -5.10
C THR A 91 -9.61 21.72 -4.43
N MET A 92 -8.61 21.69 -3.54
CA MET A 92 -8.44 20.64 -2.51
C MET A 92 -8.16 21.32 -1.18
N THR A 93 -8.68 20.78 -0.09
CA THR A 93 -8.33 21.31 1.23
C THR A 93 -6.91 20.90 1.62
N LEU A 94 -6.34 21.61 2.60
CA LEU A 94 -5.02 21.25 3.11
C LEU A 94 -5.05 19.88 3.67
N ALA A 95 -6.11 19.35 4.28
CA ALA A 95 -6.18 17.94 4.68
C ALA A 95 -6.10 17.03 3.46
N GLU A 96 -6.89 17.35 2.44
CA GLU A 96 -6.88 16.48 1.24
C GLU A 96 -5.49 16.48 0.61
N LEU A 97 -4.83 17.62 0.59
CA LEU A 97 -3.46 17.70 0.02
C LEU A 97 -2.49 16.90 0.85
N SER A 98 -2.62 16.96 2.17
CA SER A 98 -1.73 16.20 3.07
C SER A 98 -1.92 14.72 2.84
N ALA A 99 -3.19 14.27 2.79
CA ALA A 99 -3.49 12.84 2.59
C ALA A 99 -2.97 12.42 1.24
N ALA A 100 -3.17 13.21 0.18
CA ALA A 100 -2.72 12.83 -1.15
C ALA A 100 -1.20 12.74 -1.20
N ALA A 101 -0.52 13.72 -0.61
CA ALA A 101 0.94 13.73 -0.55
C ALA A 101 1.45 12.48 0.16
N LEU A 102 0.91 12.17 1.31
CA LEU A 102 1.47 11.08 2.12
C LEU A 102 1.04 9.72 1.62
N GLN A 103 -0.22 9.54 1.27
CA GLN A 103 -0.75 8.20 0.99
C GLN A 103 -0.64 7.81 -0.47
N TYR A 104 -0.65 8.76 -1.37
CA TYR A 104 -0.55 8.47 -2.82
C TYR A 104 0.74 9.08 -3.36
N SER A 105 1.52 9.79 -2.59
CA SER A 105 2.80 10.39 -3.05
C SER A 105 2.53 11.36 -4.20
N ASP A 106 1.48 12.17 -4.09
CA ASP A 106 1.16 13.20 -5.11
C ASP A 106 2.10 14.39 -5.01
N ASN A 107 2.85 14.65 -6.07
CA ASN A 107 3.89 15.71 -6.01
C ASN A 107 3.26 17.10 -6.14
N THR A 108 2.15 17.25 -6.83
CA THR A 108 1.47 18.57 -6.84
C THR A 108 0.99 18.90 -5.42
N ALA A 109 0.41 17.89 -4.74
CA ALA A 109 -0.03 18.10 -3.37
C ALA A 109 1.15 18.55 -2.51
N MET A 110 2.29 17.91 -2.62
CA MET A 110 3.49 18.37 -1.89
C MET A 110 3.77 19.83 -2.20
N ASN A 111 3.74 20.22 -3.47
CA ASN A 111 4.06 21.63 -3.77
C ASN A 111 3.09 22.57 -3.08
N LYS A 112 1.82 22.20 -2.94
CA LYS A 112 0.88 23.08 -2.19
C LYS A 112 1.23 23.12 -0.71
N LEU A 113 1.69 22.02 -0.12
CA LEU A 113 2.13 22.07 1.27
C LEU A 113 3.34 23.00 1.40
N ILE A 114 4.30 22.86 0.49
CA ILE A 114 5.50 23.73 0.55
C ILE A 114 5.06 25.18 0.44
N ALA A 115 4.17 25.49 -0.49
CA ALA A 115 3.73 26.90 -0.65
C ALA A 115 3.01 27.39 0.63
N GLN A 116 2.25 26.58 1.30
CA GLN A 116 1.56 26.97 2.52
C GLN A 116 2.58 27.29 3.57
N LEU A 117 3.80 26.73 3.52
CA LEU A 117 4.88 27.01 4.47
C LEU A 117 5.80 28.12 4.01
N GLY A 118 5.52 28.73 2.90
CA GLY A 118 6.34 29.86 2.40
C GLY A 118 7.51 29.42 1.56
N GLY A 119 7.58 28.20 1.10
CA GLY A 119 8.64 27.73 0.23
C GLY A 119 9.46 26.65 0.92
N PRO A 120 10.44 26.07 0.24
CA PRO A 120 11.22 24.96 0.81
C PRO A 120 11.82 25.32 2.15
N GLY A 121 12.32 26.52 2.31
CA GLY A 121 12.93 26.93 3.57
C GLY A 121 11.98 26.96 4.75
N GLY A 122 10.67 27.10 4.48
CA GLY A 122 9.68 26.98 5.55
C GLY A 122 9.61 25.56 6.09
N VAL A 123 9.88 24.57 5.26
CA VAL A 123 9.94 23.18 5.72
C VAL A 123 11.19 23.02 6.58
N THR A 124 12.33 23.51 6.09
CA THR A 124 13.57 23.42 6.85
C THR A 124 13.39 24.14 8.19
N ALA A 125 12.73 25.29 8.22
CA ALA A 125 12.55 26.02 9.49
C ALA A 125 11.75 25.18 10.46
N PHE A 126 10.74 24.46 10.02
CA PHE A 126 9.98 23.59 10.94
C PHE A 126 10.90 22.53 11.47
N ALA A 127 11.69 21.88 10.60
CA ALA A 127 12.64 20.84 11.05
C ALA A 127 13.49 21.40 12.19
N ARG A 128 14.04 22.61 12.01
CA ARG A 128 14.85 23.22 13.04
C ARG A 128 14.05 23.46 14.32
N ALA A 129 12.81 23.85 14.20
CA ALA A 129 11.97 24.12 15.37
C ALA A 129 11.70 22.85 16.17
N ILE A 130 11.80 21.66 15.58
CA ILE A 130 11.56 20.39 16.30
C ILE A 130 12.87 19.69 16.58
N GLY A 131 14.00 20.36 16.48
CA GLY A 131 15.28 19.81 16.90
C GLY A 131 16.09 19.12 15.83
N ASP A 132 15.69 19.19 14.56
CA ASP A 132 16.42 18.53 13.46
C ASP A 132 17.30 19.60 12.82
N GLU A 133 18.59 19.52 13.07
CA GLU A 133 19.59 20.45 12.54
C GLU A 133 20.18 19.96 11.23
N THR A 134 19.73 18.86 10.70
CA THR A 134 20.35 18.16 9.57
C THR A 134 19.50 18.31 8.31
N PHE A 135 18.23 18.03 8.39
CA PHE A 135 17.30 18.09 7.28
C PHE A 135 17.48 19.40 6.51
N ARG A 136 17.40 19.35 5.19
CA ARG A 136 17.24 20.61 4.39
C ARG A 136 16.36 20.31 3.19
N LEU A 137 15.40 21.19 2.99
CA LEU A 137 14.64 21.21 1.73
C LEU A 137 15.00 22.50 1.03
N ASP A 138 15.42 22.38 -0.21
CA ASP A 138 15.93 23.50 -1.01
C ASP A 138 15.10 23.77 -2.25
N ARG A 139 14.38 22.80 -2.77
CA ARG A 139 13.65 22.90 -4.02
C ARG A 139 12.25 22.35 -3.85
N THR A 140 11.40 22.65 -4.82
CA THR A 140 10.05 22.10 -4.94
C THR A 140 10.08 20.82 -5.77
N GLU A 141 8.91 20.21 -5.96
CA GLU A 141 8.73 19.10 -6.88
C GLU A 141 8.62 19.64 -8.30
N PRO A 142 9.25 18.97 -9.29
CA PRO A 142 9.92 17.69 -9.17
C PRO A 142 11.42 17.71 -8.94
N THR A 143 12.02 18.89 -8.98
CA THR A 143 13.49 18.97 -9.02
C THR A 143 14.13 18.57 -7.70
N LEU A 144 13.37 18.49 -6.61
CA LEU A 144 13.95 17.99 -5.35
C LEU A 144 14.33 16.52 -5.46
N ASN A 145 13.96 15.81 -6.53
CA ASN A 145 14.32 14.38 -6.71
C ASN A 145 15.52 14.13 -7.61
N THR A 146 16.30 15.14 -7.95
CA THR A 146 17.42 14.88 -8.88
C THR A 146 18.45 13.95 -8.30
N ALA A 147 18.63 13.97 -6.97
CA ALA A 147 19.40 12.94 -6.23
C ALA A 147 20.81 12.79 -6.73
N ILE A 148 21.45 13.87 -7.09
CA ILE A 148 22.82 13.81 -7.66
C ILE A 148 23.81 13.48 -6.59
N PRO A 149 24.72 12.51 -6.83
CA PRO A 149 25.67 12.16 -5.78
C PRO A 149 26.49 13.39 -5.38
N GLY A 150 26.66 13.60 -4.08
CA GLY A 150 27.46 14.69 -3.57
C GLY A 150 26.68 15.99 -3.40
N ASP A 151 25.48 16.11 -3.96
CA ASP A 151 24.68 17.35 -3.89
C ASP A 151 24.03 17.41 -2.53
N PRO A 152 24.27 18.46 -1.72
CA PRO A 152 23.62 18.57 -0.42
C PRO A 152 22.15 18.95 -0.51
N ARG A 153 21.66 19.42 -1.62
CA ARG A 153 20.27 19.92 -1.63
C ARG A 153 19.30 18.79 -1.34
N ASP A 154 18.28 19.06 -0.56
CA ASP A 154 17.15 18.13 -0.39
C ASP A 154 17.63 16.81 0.23
N THR A 155 18.53 16.89 1.17
CA THR A 155 19.11 15.71 1.82
C THR A 155 18.88 15.73 3.33
N THR A 156 19.04 14.57 3.92
CA THR A 156 19.22 14.44 5.37
C THR A 156 20.08 13.19 5.65
N THR A 157 20.27 12.88 6.90
CA THR A 157 20.98 11.64 7.31
C THR A 157 19.99 10.68 7.88
N PRO A 158 20.31 9.38 7.86
CA PRO A 158 19.41 8.39 8.48
C PRO A 158 19.19 8.71 9.96
N ARG A 159 20.26 9.02 10.68
CA ARG A 159 20.13 9.29 12.12
C ARG A 159 19.15 10.41 12.36
N ALA A 160 19.30 11.53 11.64
CA ALA A 160 18.41 12.69 11.90
C ALA A 160 16.99 12.36 11.56
N MET A 161 16.77 11.67 10.44
N MET A 161 16.76 11.66 10.45
CA MET A 161 15.38 11.42 10.00
CA MET A 161 15.36 11.44 10.02
C MET A 161 14.70 10.46 10.98
C MET A 161 14.69 10.43 10.96
N ALA A 162 15.42 9.45 11.49
CA ALA A 162 14.80 8.53 12.46
C ALA A 162 14.40 9.29 13.72
N GLN A 163 15.29 10.13 14.23
CA GLN A 163 14.99 10.94 15.43
C GLN A 163 13.76 11.79 15.18
N THR A 164 13.72 12.48 14.07
CA THR A 164 12.59 13.37 13.78
C THR A 164 11.32 12.55 13.62
N LEU A 165 11.35 11.44 12.91
CA LEU A 165 10.13 10.64 12.73
C LEU A 165 9.63 10.16 14.09
N ARG A 166 10.54 9.77 14.97
CA ARG A 166 10.14 9.38 16.34
C ARG A 166 9.42 10.54 17.02
N GLN A 167 10.02 11.71 17.01
CA GLN A 167 9.43 12.84 17.79
C GLN A 167 8.09 13.23 17.18
N LEU A 168 7.91 13.09 15.88
CA LEU A 168 6.65 13.46 15.20
C LEU A 168 5.55 12.45 15.48
N THR A 169 5.86 11.18 15.50
CA THR A 169 4.82 10.11 15.54
C THR A 169 4.61 9.52 16.90
N LEU A 170 5.63 9.49 17.72
CA LEU A 170 5.58 8.82 19.04
C LEU A 170 5.82 9.82 20.13
N GLY A 171 6.51 10.90 19.90
CA GLY A 171 6.85 11.95 20.88
C GLY A 171 5.92 13.11 20.77
N HIS A 172 6.41 14.25 21.19
N HIS A 172 6.35 14.27 21.20
CA HIS A 172 5.56 15.43 21.47
CA HIS A 172 5.47 15.45 21.38
C HIS A 172 5.86 16.59 20.56
C HIS A 172 5.97 16.64 20.56
N ALA A 173 6.47 16.37 19.37
CA ALA A 173 6.76 17.48 18.45
C ALA A 173 5.44 18.12 17.93
N LEU A 174 4.40 17.34 17.84
CA LEU A 174 3.04 17.82 17.48
C LEU A 174 2.12 17.68 18.70
N GLY A 175 0.99 18.36 18.63
CA GLY A 175 -0.06 18.17 19.64
C GLY A 175 -0.65 16.78 19.45
N GLU A 176 -1.39 16.28 20.44
CA GLU A 176 -1.87 14.89 20.46
C GLU A 176 -2.75 14.63 19.23
N THR A 177 -3.71 15.46 18.93
CA THR A 177 -4.60 15.16 17.80
C THR A 177 -3.83 15.22 16.47
N GLN A 178 -2.89 16.10 16.38
CA GLN A 178 -2.09 16.19 15.13
C GLN A 178 -1.18 14.99 14.99
N ARG A 179 -0.56 14.51 16.07
CA ARG A 179 0.25 13.29 16.03
C ARG A 179 -0.62 12.14 15.59
N ALA A 180 -1.82 11.99 16.13
CA ALA A 180 -2.72 10.89 15.76
C ALA A 180 -3.06 11.00 14.28
N GLN A 181 -3.35 12.20 13.80
CA GLN A 181 -3.65 12.37 12.36
C GLN A 181 -2.45 11.94 11.49
N LEU A 182 -1.24 12.35 11.88
CA LEU A 182 -0.07 11.95 11.06
C LEU A 182 0.06 10.44 11.06
N VAL A 183 -0.09 9.81 12.22
CA VAL A 183 0.01 8.32 12.30
C VAL A 183 -1.08 7.67 11.44
N THR A 184 -2.31 8.15 11.49
CA THR A 184 -3.39 7.59 10.65
C THR A 184 -2.98 7.71 9.19
N TRP A 185 -2.50 8.87 8.77
CA TRP A 185 -2.12 9.04 7.35
C TRP A 185 -1.03 8.04 6.99
N LEU A 186 0.02 7.93 7.79
CA LEU A 186 1.15 7.04 7.44
C LEU A 186 0.67 5.58 7.40
N LYS A 187 -0.20 5.18 8.33
CA LYS A 187 -0.69 3.79 8.36
C LYS A 187 -1.51 3.49 7.11
N GLY A 188 -2.12 4.46 6.50
CA GLY A 188 -2.91 4.28 5.27
C GLY A 188 -2.10 4.48 4.02
N ASN A 189 -0.77 4.53 4.11
CA ASN A 189 0.03 4.62 2.88
C ASN A 189 -0.31 3.49 1.89
N THR A 190 -0.37 3.80 0.61
CA THR A 190 -0.64 2.81 -0.43
C THR A 190 0.64 2.28 -1.09
N THR A 191 1.79 2.88 -0.87
CA THR A 191 2.97 2.63 -1.74
C THR A 191 4.06 1.78 -1.06
N GLY A 192 3.82 1.24 0.13
CA GLY A 192 4.90 0.72 0.96
C GLY A 192 5.08 -0.75 1.01
N ALA A 193 4.22 -1.58 0.39
CA ALA A 193 4.28 -3.05 0.67
C ALA A 193 5.55 -3.73 0.18
N ALA A 194 6.27 -3.15 -0.77
CA ALA A 194 7.50 -3.77 -1.28
C ALA A 194 8.77 -3.33 -0.54
N SER A 195 8.64 -2.38 0.38
CA SER A 195 9.83 -1.70 0.98
C SER A 195 10.05 -2.23 2.39
N ILE A 196 10.18 -1.37 3.40
CA ILE A 196 10.47 -1.89 4.74
C ILE A 196 9.49 -3.00 5.11
N ARG A 197 8.22 -2.79 4.91
CA ARG A 197 7.26 -3.80 5.41
C ARG A 197 7.49 -5.16 4.78
N ALA A 198 8.00 -5.27 3.59
CA ALA A 198 8.22 -6.58 2.99
C ALA A 198 9.29 -7.36 3.75
N GLY A 199 10.13 -6.72 4.55
CA GLY A 199 11.17 -7.42 5.32
C GLY A 199 10.76 -7.76 6.72
N LEU A 200 9.57 -7.41 7.16
CA LEU A 200 9.17 -7.56 8.55
C LEU A 200 8.13 -8.65 8.70
N PRO A 201 7.97 -9.23 9.92
CA PRO A 201 6.88 -10.20 10.11
C PRO A 201 5.56 -9.53 9.75
N THR A 202 4.69 -10.39 9.25
CA THR A 202 3.41 -9.92 8.68
C THR A 202 2.49 -9.43 9.80
N SER A 203 2.68 -9.89 11.02
CA SER A 203 1.83 -9.50 12.17
C SER A 203 2.14 -8.08 12.65
N TRP A 204 3.28 -7.48 12.24
CA TRP A 204 3.69 -6.14 12.71
C TRP A 204 2.92 -5.08 11.92
N THR A 205 2.59 -4.00 12.56
CA THR A 205 1.84 -2.89 11.92
C THR A 205 2.84 -1.80 11.52
N VAL A 206 2.75 -1.32 10.29
CA VAL A 206 3.69 -0.29 9.74
C VAL A 206 2.92 0.95 9.30
N GLY A 207 3.43 2.12 9.58
CA GLY A 207 3.08 3.34 8.84
C GLY A 207 4.33 3.87 8.21
N ASP A 208 4.30 4.25 6.96
CA ASP A 208 5.55 4.58 6.25
C ASP A 208 5.32 5.59 5.16
N LYS A 209 6.41 6.17 4.69
CA LYS A 209 6.44 7.00 3.50
C LYS A 209 7.65 6.58 2.68
N THR A 210 7.42 6.20 1.43
CA THR A 210 8.49 5.83 0.47
C THR A 210 8.99 7.05 -0.28
N GLY A 211 10.08 6.89 -0.98
CA GLY A 211 10.50 7.85 -1.99
C GLY A 211 11.37 7.20 -3.00
N SER A 212 11.46 7.82 -4.17
CA SER A 212 12.34 7.34 -5.25
C SER A 212 12.73 8.54 -6.08
N GLY A 213 13.81 8.39 -6.79
CA GLY A 213 14.25 9.51 -7.64
C GLY A 213 15.33 8.99 -8.55
N ASP A 214 16.05 10.01 -9.19
CA ASP A 214 17.15 9.61 -10.10
C ASP A 214 18.23 8.88 -9.30
N TYR A 215 19.21 8.36 -10.00
CA TYR A 215 20.32 7.59 -9.39
C TYR A 215 19.72 6.37 -8.71
N GLY A 216 18.61 5.87 -9.21
CA GLY A 216 18.01 4.67 -8.61
C GLY A 216 17.74 4.83 -7.12
N THR A 217 17.47 6.04 -6.70
CA THR A 217 17.29 6.33 -5.27
C THR A 217 15.99 5.67 -4.83
N THR A 218 16.05 4.95 -3.74
CA THR A 218 14.94 4.13 -3.25
C THR A 218 14.95 4.24 -1.75
N ASN A 219 13.90 4.81 -1.18
CA ASN A 219 13.88 5.19 0.24
C ASN A 219 12.60 4.72 0.93
N ASP A 220 12.67 4.61 2.24
CA ASP A 220 11.46 4.37 3.05
C ASP A 220 11.74 4.83 4.45
N ILE A 221 10.78 5.47 5.08
CA ILE A 221 10.89 5.85 6.52
C ILE A 221 9.61 5.34 7.17
N ALA A 222 9.76 4.64 8.29
CA ALA A 222 8.64 3.89 8.89
C ALA A 222 8.61 3.98 10.41
N VAL A 223 7.40 4.05 10.96
N VAL A 223 7.39 3.96 10.89
CA VAL A 223 7.10 3.85 12.41
CA VAL A 223 7.11 3.64 12.30
C VAL A 223 6.38 2.49 12.50
C VAL A 223 6.48 2.29 12.32
N ILE A 224 6.92 1.49 13.27
CA ILE A 224 6.57 0.06 13.27
C ILE A 224 6.08 -0.27 14.68
N TRP A 225 4.92 -0.94 14.71
CA TRP A 225 4.30 -1.45 15.94
C TRP A 225 4.50 -2.97 15.92
N PRO A 226 5.60 -3.52 16.48
CA PRO A 226 5.87 -4.97 16.46
C PRO A 226 4.94 -5.74 17.41
N GLN A 227 4.63 -6.98 17.07
CA GLN A 227 3.78 -7.84 17.89
C GLN A 227 4.59 -8.10 19.16
N GLY A 228 4.12 -7.56 20.23
CA GLY A 228 4.65 -7.98 21.55
C GLY A 228 5.65 -7.02 22.15
N ARG A 229 5.87 -5.85 21.54
CA ARG A 229 6.86 -4.91 22.11
C ARG A 229 6.66 -3.49 21.62
N ALA A 230 7.43 -2.61 22.25
CA ALA A 230 7.35 -1.16 22.01
C ALA A 230 7.67 -0.84 20.55
N PRO A 231 7.14 0.30 20.06
CA PRO A 231 7.35 0.69 18.68
C PRO A 231 8.82 0.93 18.32
N LEU A 232 9.08 0.76 17.04
CA LEU A 232 10.40 1.02 16.40
C LEU A 232 10.23 2.14 15.40
N VAL A 233 11.31 2.86 15.15
CA VAL A 233 11.38 3.77 13.99
C VAL A 233 12.50 3.27 13.15
N LEU A 234 12.29 3.14 11.86
CA LEU A 234 13.33 2.65 10.95
C LEU A 234 13.35 3.48 9.68
N VAL A 235 14.53 3.97 9.31
CA VAL A 235 14.83 4.70 8.06
CA VAL A 235 14.70 4.61 8.00
C VAL A 235 15.74 3.84 7.20
N THR A 236 15.44 3.68 5.93
CA THR A 236 16.31 2.98 4.99
C THR A 236 16.40 3.82 3.76
N TYR A 237 17.59 4.27 3.42
N TYR A 237 17.59 4.34 3.47
CA TYR A 237 17.88 5.10 2.25
CA TYR A 237 17.85 5.10 2.22
C TYR A 237 18.84 4.35 1.36
C TYR A 237 18.83 4.35 1.36
N PHE A 238 18.65 4.45 0.05
CA PHE A 238 19.53 3.70 -0.89
C PHE A 238 19.66 4.52 -2.17
N THR A 239 20.90 4.63 -2.65
CA THR A 239 21.14 5.38 -3.90
C THR A 239 22.30 4.73 -4.68
N GLN A 240 22.33 4.95 -5.97
CA GLN A 240 23.18 4.14 -6.88
C GLN A 240 24.01 5.10 -7.72
N PRO A 241 25.09 4.59 -8.36
CA PRO A 241 26.00 5.50 -9.04
C PRO A 241 25.56 6.04 -10.41
N GLN A 242 24.64 5.40 -11.07
CA GLN A 242 24.26 5.83 -12.45
C GLN A 242 22.87 6.49 -12.41
N GLN A 243 22.75 7.59 -13.12
CA GLN A 243 21.54 8.43 -13.11
C GLN A 243 20.30 7.59 -13.41
N ASN A 244 20.33 6.67 -14.38
N ASN A 244 20.42 6.66 -14.36
CA ASN A 244 19.12 5.89 -14.77
CA ASN A 244 19.25 5.92 -14.87
C ASN A 244 19.13 4.48 -14.15
C ASN A 244 19.00 4.61 -14.11
N ALA A 245 19.70 4.34 -12.97
CA ALA A 245 19.58 3.06 -12.26
C ALA A 245 18.11 2.78 -11.89
N GLU A 246 17.80 1.51 -11.83
CA GLU A 246 16.45 1.03 -11.48
C GLU A 246 16.22 1.08 -9.97
N SER A 247 14.98 1.26 -9.59
CA SER A 247 14.57 1.20 -8.17
C SER A 247 14.92 -0.15 -7.56
N ARG A 248 15.28 -0.19 -6.29
CA ARG A 248 15.63 -1.45 -5.59
C ARG A 248 14.90 -1.52 -4.25
N ARG A 249 13.59 -1.61 -4.28
CA ARG A 249 12.81 -1.71 -3.03
C ARG A 249 13.19 -2.98 -2.28
N ASP A 250 13.58 -4.02 -3.01
CA ASP A 250 14.00 -5.26 -2.34
C ASP A 250 15.19 -5.07 -1.43
N VAL A 251 16.08 -4.13 -1.75
CA VAL A 251 17.22 -3.83 -0.86
C VAL A 251 16.73 -3.26 0.47
N LEU A 252 15.71 -2.40 0.41
CA LEU A 252 15.13 -1.85 1.65
C LEU A 252 14.47 -2.94 2.47
N ALA A 253 13.73 -3.83 1.80
CA ALA A 253 13.14 -4.99 2.48
C ALA A 253 14.22 -5.85 3.13
N SER A 254 15.34 -6.10 2.44
CA SER A 254 16.44 -6.92 2.97
C SER A 254 17.03 -6.22 4.18
N ALA A 255 17.18 -4.89 4.12
CA ALA A 255 17.75 -4.18 5.29
C ALA A 255 16.83 -4.31 6.49
N ALA A 256 15.54 -4.14 6.25
CA ALA A 256 14.56 -4.28 7.34
C ALA A 256 14.60 -5.70 7.93
N ARG A 257 14.73 -6.71 7.07
N ARG A 257 14.75 -6.72 7.08
CA ARG A 257 14.78 -8.13 7.55
CA ARG A 257 14.78 -8.13 7.55
C ARG A 257 16.00 -8.31 8.45
C ARG A 257 16.01 -8.33 8.43
N ILE A 258 17.14 -7.78 8.04
CA ILE A 258 18.37 -7.89 8.84
C ILE A 258 18.12 -7.22 10.19
N ILE A 259 17.54 -6.01 10.18
CA ILE A 259 17.25 -5.28 11.45
C ILE A 259 16.31 -6.11 12.32
N ALA A 260 15.23 -6.62 11.78
CA ALA A 260 14.25 -7.41 12.57
C ALA A 260 14.90 -8.65 13.15
N GLU A 261 15.76 -9.34 12.39
CA GLU A 261 16.44 -10.58 12.84
C GLU A 261 17.36 -10.21 13.99
N GLY A 262 17.89 -9.01 14.04
CA GLY A 262 18.86 -8.54 15.04
C GLY A 262 18.24 -8.11 16.34
N LEU A 263 16.90 -7.99 16.39
CA LEU A 263 16.22 -7.68 17.67
C LEU A 263 16.28 -8.92 18.57
N THR B 2 -1.93 -20.17 -29.54
CA THR B 2 -0.92 -19.85 -28.47
C THR B 2 -0.01 -18.72 -28.97
N SER B 3 0.17 -17.67 -28.16
CA SER B 3 0.83 -16.39 -28.53
C SER B 3 2.17 -16.17 -27.80
N ALA B 4 2.95 -15.19 -28.28
CA ALA B 4 4.12 -14.56 -27.60
C ALA B 4 3.86 -14.44 -26.09
N VAL B 5 2.71 -13.87 -25.74
CA VAL B 5 2.33 -13.71 -24.31
C VAL B 5 2.20 -15.09 -23.69
N GLN B 6 1.68 -16.06 -24.41
CA GLN B 6 1.55 -17.43 -23.90
C GLN B 6 2.91 -18.05 -23.62
N GLN B 7 3.88 -17.91 -24.52
CA GLN B 7 5.24 -18.44 -24.30
C GLN B 7 5.76 -17.82 -22.97
N LYS B 8 5.57 -16.54 -22.79
CA LYS B 8 6.19 -15.85 -21.62
C LYS B 8 5.52 -16.25 -20.31
N LEU B 9 4.20 -16.41 -20.35
CA LEU B 9 3.54 -16.80 -19.10
C LEU B 9 3.91 -18.23 -18.73
N ALA B 10 3.97 -19.12 -19.74
CA ALA B 10 4.34 -20.51 -19.45
C ALA B 10 5.78 -20.57 -18.86
N ALA B 11 6.67 -19.78 -19.46
CA ALA B 11 8.08 -19.77 -19.01
C ALA B 11 8.16 -19.24 -17.56
N LEU B 12 7.38 -18.18 -17.26
CA LEU B 12 7.34 -17.63 -15.89
C LEU B 12 6.85 -18.68 -14.91
N GLU B 13 5.77 -19.38 -15.33
CA GLU B 13 5.25 -20.44 -14.44
C GLU B 13 6.33 -21.53 -14.19
N LYS B 14 6.94 -22.01 -15.28
CA LYS B 14 7.94 -23.09 -15.14
C LYS B 14 9.08 -22.64 -14.22
N SER B 15 9.53 -21.42 -14.37
CA SER B 15 10.63 -20.87 -13.51
C SER B 15 10.20 -20.83 -12.06
N SER B 16 8.93 -20.49 -11.82
CA SER B 16 8.39 -20.30 -10.45
C SER B 16 8.25 -21.59 -9.70
N GLY B 17 8.09 -22.70 -10.43
CA GLY B 17 7.83 -23.98 -9.79
C GLY B 17 6.37 -24.23 -9.38
N GLY B 18 5.48 -23.25 -9.51
CA GLY B 18 4.09 -23.38 -9.05
C GLY B 18 3.12 -23.42 -10.20
N ARG B 19 1.90 -23.03 -9.89
CA ARG B 19 0.72 -23.07 -10.78
C ARG B 19 0.17 -21.63 -10.82
N LEU B 20 0.21 -21.05 -11.99
CA LEU B 20 -0.15 -19.64 -12.24
C LEU B 20 -1.46 -19.58 -13.00
N GLY B 21 -2.34 -18.67 -12.57
CA GLY B 21 -3.62 -18.41 -13.24
C GLY B 21 -3.70 -16.95 -13.59
N VAL B 22 -3.98 -16.60 -14.83
CA VAL B 22 -4.09 -15.20 -15.24
C VAL B 22 -5.36 -15.00 -16.04
N ALA B 23 -6.07 -13.90 -15.78
CA ALA B 23 -7.12 -13.48 -16.70
C ALA B 23 -7.05 -11.97 -16.81
N LEU B 24 -6.86 -11.47 -18.00
CA LEU B 24 -6.95 -10.06 -18.34
C LEU B 24 -8.22 -9.81 -19.14
N ILE B 25 -8.89 -8.71 -18.87
CA ILE B 25 -9.89 -8.11 -19.78
C ILE B 25 -9.39 -6.74 -20.09
N ASP B 26 -9.22 -6.46 -21.37
CA ASP B 26 -8.86 -5.10 -21.81
C ASP B 26 -10.17 -4.45 -22.21
N THR B 27 -10.72 -3.50 -21.50
CA THR B 27 -12.03 -2.92 -21.83
C THR B 27 -11.91 -1.97 -23.04
N ALA B 28 -10.72 -1.68 -23.58
CA ALA B 28 -10.62 -0.86 -24.82
C ALA B 28 -11.39 -1.60 -25.92
N ASP B 29 -11.33 -2.92 -25.93
CA ASP B 29 -11.77 -3.68 -27.12
C ASP B 29 -12.25 -5.07 -26.73
N ASN B 30 -12.46 -5.34 -25.45
CA ASN B 30 -12.96 -6.61 -24.88
C ASN B 30 -12.03 -7.77 -25.19
N THR B 31 -10.79 -7.56 -25.52
CA THR B 31 -9.87 -8.69 -25.70
C THR B 31 -9.45 -9.24 -24.33
N GLN B 32 -8.94 -10.46 -24.34
CA GLN B 32 -8.61 -11.23 -23.12
C GLN B 32 -7.29 -11.89 -23.29
N VAL B 33 -6.58 -12.06 -22.20
CA VAL B 33 -5.42 -12.94 -22.15
C VAL B 33 -5.72 -13.89 -21.03
N LEU B 34 -5.64 -15.20 -21.26
CA LEU B 34 -5.99 -16.22 -20.29
C LEU B 34 -4.86 -17.22 -20.14
N TYR B 35 -4.53 -17.62 -18.93
CA TYR B 35 -3.55 -18.67 -18.67
C TYR B 35 -4.08 -19.48 -17.52
N ARG B 36 -4.43 -20.74 -17.74
CA ARG B 36 -5.17 -21.53 -16.75
C ARG B 36 -6.43 -20.76 -16.30
N GLY B 37 -7.06 -20.10 -17.24
CA GLY B 37 -8.15 -19.19 -16.90
C GLY B 37 -9.39 -19.86 -16.39
N ASP B 38 -9.54 -21.16 -16.67
CA ASP B 38 -10.69 -21.94 -16.22
C ASP B 38 -10.35 -22.91 -15.11
N GLU B 39 -9.15 -22.89 -14.58
CA GLU B 39 -8.82 -23.72 -13.41
C GLU B 39 -9.21 -23.03 -12.12
N ARG B 40 -9.60 -23.78 -11.13
CA ARG B 40 -9.90 -23.21 -9.81
C ARG B 40 -8.63 -22.98 -9.04
N PHE B 41 -8.65 -21.86 -8.31
CA PHE B 41 -7.57 -21.45 -7.41
C PHE B 41 -8.20 -21.03 -6.11
N PRO B 42 -7.48 -21.24 -4.97
CA PRO B 42 -7.93 -20.73 -3.71
C PRO B 42 -7.87 -19.20 -3.71
N MET B 43 -8.97 -18.56 -3.38
CA MET B 43 -9.03 -17.08 -3.42
C MET B 43 -8.30 -16.41 -2.26
N CYS B 44 -8.30 -17.02 -1.11
CA CYS B 44 -7.79 -16.37 0.12
C CYS B 44 -8.42 -14.98 0.27
N SER B 45 -7.64 -13.99 0.70
CA SER B 45 -8.21 -12.65 1.04
C SER B 45 -8.84 -11.95 -0.18
N THR B 46 -8.60 -12.43 -1.41
CA THR B 46 -9.24 -11.77 -2.56
C THR B 46 -10.76 -11.95 -2.52
N SER B 47 -11.27 -12.93 -1.74
CA SER B 47 -12.72 -13.11 -1.56
C SER B 47 -13.36 -11.98 -0.81
N LYS B 48 -12.58 -11.14 -0.14
N LYS B 48 -12.58 -11.14 -0.15
CA LYS B 48 -13.13 -10.00 0.62
CA LYS B 48 -13.14 -10.00 0.60
C LYS B 48 -13.81 -9.05 -0.35
C LYS B 48 -13.83 -9.04 -0.36
N VAL B 49 -13.38 -8.96 -1.62
CA VAL B 49 -14.06 -8.07 -2.56
C VAL B 49 -15.51 -8.47 -2.73
N MET B 50 -15.78 -9.77 -2.90
CA MET B 50 -17.17 -10.22 -3.08
CA MET B 50 -17.17 -10.22 -3.08
C MET B 50 -17.99 -9.92 -1.82
N ALA B 51 -17.43 -10.17 -0.65
CA ALA B 51 -18.18 -9.95 0.61
C ALA B 51 -18.50 -8.44 0.78
N ALA B 52 -17.50 -7.58 0.54
CA ALA B 52 -17.74 -6.13 0.68
C ALA B 52 -18.78 -5.72 -0.36
N ALA B 53 -18.66 -6.15 -1.58
CA ALA B 53 -19.66 -5.79 -2.61
C ALA B 53 -21.05 -6.27 -2.22
N ALA B 54 -21.17 -7.44 -1.66
CA ALA B 54 -22.48 -7.99 -1.26
C ALA B 54 -23.12 -7.08 -0.21
N VAL B 55 -22.34 -6.60 0.74
CA VAL B 55 -22.84 -5.65 1.75
C VAL B 55 -23.22 -4.31 1.10
N LEU B 56 -22.41 -3.85 0.16
CA LEU B 56 -22.76 -2.62 -0.59
C LEU B 56 -24.12 -2.84 -1.27
N LYS B 57 -24.32 -3.98 -1.93
CA LYS B 57 -25.60 -4.21 -2.62
C LYS B 57 -26.72 -4.19 -1.58
N GLN B 58 -26.54 -4.78 -0.40
CA GLN B 58 -27.61 -4.71 0.65
C GLN B 58 -27.92 -3.29 1.01
N SER B 59 -26.92 -2.44 1.09
CA SER B 59 -27.09 -1.01 1.48
C SER B 59 -27.84 -0.23 0.43
N GLU B 60 -28.03 -0.76 -0.78
CA GLU B 60 -28.89 -0.07 -1.79
C GLU B 60 -30.34 -0.05 -1.33
N THR B 61 -30.78 -0.97 -0.50
CA THR B 61 -32.18 -1.04 -0.01
C THR B 61 -32.29 -0.89 1.48
N GLN B 62 -31.28 -1.23 2.25
CA GLN B 62 -31.20 -0.94 3.71
C GLN B 62 -30.34 0.31 3.83
N LYS B 63 -30.94 1.47 3.72
CA LYS B 63 -30.18 2.67 3.35
C LYS B 63 -29.21 3.14 4.42
N GLN B 64 -29.43 2.80 5.67
N GLN B 64 -29.42 2.81 5.67
CA GLN B 64 -28.48 3.17 6.75
CA GLN B 64 -28.44 3.19 6.72
C GLN B 64 -27.58 2.00 7.13
C GLN B 64 -27.62 1.96 7.16
N LEU B 65 -27.58 0.88 6.39
CA LEU B 65 -26.85 -0.33 6.84
C LEU B 65 -25.37 0.00 7.04
N LEU B 66 -24.72 0.76 6.21
CA LEU B 66 -23.27 0.91 6.37
C LEU B 66 -22.93 1.63 7.65
N ASN B 67 -23.85 2.36 8.25
CA ASN B 67 -23.46 3.07 9.50
C ASN B 67 -23.90 2.26 10.73
N GLN B 68 -24.36 1.01 10.56
CA GLN B 68 -24.81 0.15 11.66
C GLN B 68 -23.61 -0.32 12.48
N PRO B 69 -23.62 -0.07 13.82
CA PRO B 69 -22.54 -0.58 14.65
C PRO B 69 -22.60 -2.09 14.80
N VAL B 70 -21.41 -2.68 14.83
CA VAL B 70 -21.23 -4.12 15.02
C VAL B 70 -20.27 -4.31 16.21
N GLU B 71 -20.66 -5.16 17.13
CA GLU B 71 -19.80 -5.42 18.30
C GLU B 71 -18.59 -6.23 17.91
N ILE B 72 -17.43 -5.82 18.42
CA ILE B 72 -16.14 -6.57 18.28
C ILE B 72 -15.77 -7.10 19.66
N LYS B 73 -15.80 -8.39 19.84
CA LYS B 73 -15.47 -8.98 21.15
C LYS B 73 -14.10 -9.61 21.10
N PRO B 74 -13.39 -9.71 22.24
CA PRO B 74 -12.09 -10.38 22.26
C PRO B 74 -12.10 -11.75 21.57
N ALA B 75 -13.13 -12.51 21.76
CA ALA B 75 -13.20 -13.88 21.26
C ALA B 75 -13.36 -13.87 19.74
N ASP B 76 -13.69 -12.74 19.10
CA ASP B 76 -13.92 -12.66 17.66
C ASP B 76 -12.60 -12.59 16.96
N LEU B 77 -11.52 -12.21 17.63
CA LEU B 77 -10.26 -11.98 16.92
C LEU B 77 -9.74 -13.30 16.37
N VAL B 78 -9.24 -13.31 15.14
CA VAL B 78 -8.67 -14.52 14.50
C VAL B 78 -7.17 -14.28 14.27
N ASN B 79 -6.64 -14.59 13.13
CA ASN B 79 -5.19 -14.71 12.93
C ASN B 79 -4.56 -13.42 12.44
N TYR B 80 -5.30 -12.44 11.97
CA TYR B 80 -4.74 -11.20 11.39
C TYR B 80 -5.81 -10.12 11.52
N ASN B 81 -5.67 -9.21 12.47
CA ASN B 81 -6.75 -8.30 12.88
C ASN B 81 -6.19 -6.91 13.16
N PRO B 82 -5.45 -6.30 12.22
CA PRO B 82 -4.74 -5.05 12.55
C PRO B 82 -5.69 -3.93 12.92
N ILE B 83 -6.90 -3.88 12.36
CA ILE B 83 -7.88 -2.83 12.68
C ILE B 83 -8.80 -3.27 13.79
N ALA B 84 -9.38 -4.45 13.70
CA ALA B 84 -10.35 -4.90 14.71
C ALA B 84 -9.73 -4.97 16.10
N GLU B 85 -8.46 -5.29 16.22
CA GLU B 85 -7.88 -5.43 17.57
C GLU B 85 -7.92 -4.09 18.26
N LYS B 86 -7.90 -2.98 17.57
CA LYS B 86 -8.00 -1.66 18.24
C LYS B 86 -9.40 -1.35 18.77
N HIS B 87 -10.43 -2.07 18.29
CA HIS B 87 -11.85 -1.77 18.61
C HIS B 87 -12.49 -2.86 19.43
N VAL B 88 -11.70 -3.80 19.91
N VAL B 88 -11.70 -3.80 19.92
CA VAL B 88 -12.25 -4.87 20.78
CA VAL B 88 -12.27 -4.84 20.78
C VAL B 88 -12.93 -4.23 22.01
C VAL B 88 -12.98 -4.20 21.99
N ASN B 89 -14.02 -4.84 22.45
CA ASN B 89 -14.89 -4.32 23.54
C ASN B 89 -15.55 -3.03 23.12
N GLY B 90 -15.64 -2.76 21.83
CA GLY B 90 -16.43 -1.65 21.30
C GLY B 90 -17.07 -2.11 20.01
N THR B 91 -17.29 -1.13 19.14
CA THR B 91 -18.02 -1.36 17.87
C THR B 91 -17.26 -0.75 16.74
N MET B 92 -17.58 -1.31 15.54
CA MET B 92 -17.19 -0.72 14.25
C MET B 92 -18.44 -0.75 13.38
N THR B 93 -18.55 0.21 12.50
CA THR B 93 -19.66 0.19 11.51
C THR B 93 -19.35 -0.78 10.39
N LEU B 94 -20.41 -1.18 9.65
CA LEU B 94 -20.18 -2.03 8.46
C LEU B 94 -19.34 -1.32 7.40
N ALA B 95 -19.42 0.02 7.25
CA ALA B 95 -18.48 0.72 6.35
C ALA B 95 -17.04 0.59 6.85
N GLU B 96 -16.86 0.77 8.16
CA GLU B 96 -15.49 0.67 8.71
C GLU B 96 -14.96 -0.76 8.57
N LEU B 97 -15.83 -1.74 8.74
CA LEU B 97 -15.40 -3.16 8.59
C LEU B 97 -15.04 -3.44 7.13
N SER B 98 -15.84 -2.91 6.20
CA SER B 98 -15.57 -3.10 4.75
C SER B 98 -14.22 -2.51 4.40
N ALA B 99 -13.96 -1.27 4.86
CA ALA B 99 -12.67 -0.58 4.58
C ALA B 99 -11.50 -1.35 5.20
N ALA B 100 -11.72 -1.85 6.44
CA ALA B 100 -10.65 -2.63 7.11
C ALA B 100 -10.36 -3.93 6.35
N ALA B 101 -11.41 -4.62 5.94
CA ALA B 101 -11.26 -5.88 5.19
C ALA B 101 -10.52 -5.62 3.88
N LEU B 102 -10.95 -4.60 3.15
CA LEU B 102 -10.36 -4.39 1.81
C LEU B 102 -8.97 -3.78 1.90
N GLN B 103 -8.80 -2.74 2.69
CA GLN B 103 -7.58 -1.91 2.59
C GLN B 103 -6.49 -2.41 3.50
N TYR B 104 -6.82 -3.10 4.56
CA TYR B 104 -5.82 -3.64 5.52
C TYR B 104 -5.88 -5.15 5.51
N SER B 105 -6.82 -5.76 4.83
CA SER B 105 -6.95 -7.25 4.78
C SER B 105 -7.17 -7.79 6.21
N ASP B 106 -8.00 -7.12 6.96
CA ASP B 106 -8.39 -7.56 8.32
C ASP B 106 -9.35 -8.75 8.26
N ASN B 107 -8.96 -9.88 8.85
CA ASN B 107 -9.75 -11.11 8.77
C ASN B 107 -10.92 -11.11 9.74
N THR B 108 -10.82 -10.44 10.88
CA THR B 108 -11.99 -10.31 11.75
C THR B 108 -13.05 -9.46 11.05
N ALA B 109 -12.63 -8.38 10.38
CA ALA B 109 -13.57 -7.57 9.58
C ALA B 109 -14.28 -8.41 8.54
N MET B 110 -13.52 -9.22 7.82
CA MET B 110 -14.16 -10.15 6.83
C MET B 110 -15.20 -11.03 7.52
N ASN B 111 -14.88 -11.61 8.67
CA ASN B 111 -15.88 -12.46 9.34
C ASN B 111 -17.14 -11.67 9.71
N LYS B 112 -17.03 -10.39 10.05
CA LYS B 112 -18.25 -9.59 10.30
C LYS B 112 -19.04 -9.40 9.00
N LEU B 113 -18.38 -9.19 7.87
CA LEU B 113 -19.13 -9.06 6.60
C LEU B 113 -19.82 -10.38 6.29
N ILE B 114 -19.13 -11.50 6.45
CA ILE B 114 -19.74 -12.83 6.20
C ILE B 114 -20.97 -12.97 7.10
N ALA B 115 -20.85 -12.66 8.39
CA ALA B 115 -21.97 -12.81 9.33
C ALA B 115 -23.12 -11.92 8.89
N GLN B 116 -22.87 -10.72 8.49
CA GLN B 116 -23.94 -9.80 8.03
C GLN B 116 -24.72 -10.45 6.91
N LEU B 117 -24.04 -11.19 6.03
CA LEU B 117 -24.65 -11.84 4.85
C LEU B 117 -25.27 -13.19 5.19
N GLY B 118 -25.26 -13.61 6.45
CA GLY B 118 -25.87 -14.88 6.87
C GLY B 118 -24.95 -16.04 6.76
N GLY B 119 -23.65 -15.88 6.55
CA GLY B 119 -22.69 -16.97 6.45
C GLY B 119 -22.06 -17.01 5.07
N PRO B 120 -21.07 -17.87 4.87
CA PRO B 120 -20.38 -17.93 3.58
C PRO B 120 -21.36 -18.07 2.43
N GLY B 121 -22.42 -18.84 2.61
CA GLY B 121 -23.39 -19.02 1.52
C GLY B 121 -24.07 -17.73 1.09
N GLY B 122 -24.17 -16.74 1.96
CA GLY B 122 -24.70 -15.45 1.54
C GLY B 122 -23.79 -14.73 0.60
N VAL B 123 -22.50 -14.92 0.73
CA VAL B 123 -21.54 -14.32 -0.24
C VAL B 123 -21.69 -15.03 -1.59
N THR B 124 -21.77 -16.34 -1.58
CA THR B 124 -21.99 -17.12 -2.81
C THR B 124 -23.31 -16.72 -3.48
N ALA B 125 -24.36 -16.50 -2.68
CA ALA B 125 -25.65 -16.13 -3.26
C ALA B 125 -25.55 -14.77 -3.97
N PHE B 126 -24.79 -13.83 -3.42
CA PHE B 126 -24.61 -12.53 -4.10
C PHE B 126 -23.86 -12.76 -5.41
N ALA B 127 -22.83 -13.61 -5.39
CA ALA B 127 -22.11 -13.92 -6.65
C ALA B 127 -23.11 -14.40 -7.72
N ARG B 128 -23.94 -15.35 -7.33
CA ARG B 128 -24.95 -15.88 -8.28
C ARG B 128 -25.86 -14.76 -8.74
N ALA B 129 -26.29 -13.88 -7.87
CA ALA B 129 -27.22 -12.78 -8.21
C ALA B 129 -26.56 -11.84 -9.21
N ILE B 130 -25.26 -11.76 -9.32
CA ILE B 130 -24.62 -10.86 -10.31
C ILE B 130 -24.08 -11.68 -11.49
N GLY B 131 -24.45 -12.91 -11.61
CA GLY B 131 -24.15 -13.67 -12.84
C GLY B 131 -22.89 -14.49 -12.73
N ASP B 132 -22.28 -14.63 -11.56
CA ASP B 132 -21.05 -15.43 -11.35
C ASP B 132 -21.49 -16.78 -10.84
N GLU B 133 -21.41 -17.80 -11.70
N GLU B 133 -21.40 -17.77 -11.72
CA GLU B 133 -21.82 -19.18 -11.40
CA GLU B 133 -21.80 -19.15 -11.45
C GLU B 133 -20.66 -20.03 -10.87
C GLU B 133 -20.64 -20.03 -11.04
N THR B 134 -19.49 -19.42 -10.81
CA THR B 134 -18.24 -20.18 -10.53
C THR B 134 -17.75 -19.98 -9.07
N PHE B 135 -17.73 -18.73 -8.62
CA PHE B 135 -17.30 -18.37 -7.26
C PHE B 135 -17.97 -19.25 -6.22
N ARG B 136 -17.22 -19.65 -5.20
CA ARG B 136 -17.90 -20.21 -4.03
C ARG B 136 -17.10 -19.83 -2.79
N LEU B 137 -17.83 -19.37 -1.79
CA LEU B 137 -17.28 -19.18 -0.43
C LEU B 137 -17.94 -20.19 0.48
N ASP B 138 -17.14 -20.97 1.15
CA ASP B 138 -17.57 -22.11 1.95
C ASP B 138 -17.28 -21.91 3.42
N ARG B 139 -16.23 -21.23 3.77
CA ARG B 139 -15.69 -21.15 5.15
C ARG B 139 -15.49 -19.71 5.53
N THR B 140 -15.34 -19.48 6.83
CA THR B 140 -14.95 -18.19 7.43
C THR B 140 -13.44 -18.11 7.50
N GLU B 141 -12.96 -16.96 7.98
CA GLU B 141 -11.55 -16.78 8.32
C GLU B 141 -11.27 -17.43 9.67
N PRO B 142 -10.15 -18.14 9.82
CA PRO B 142 -9.05 -18.27 8.85
C PRO B 142 -9.07 -19.51 7.95
N THR B 143 -10.02 -20.41 8.15
CA THR B 143 -9.92 -21.71 7.46
C THR B 143 -10.20 -21.59 5.95
N LEU B 144 -10.75 -20.47 5.47
CA LEU B 144 -10.92 -20.34 4.00
C LEU B 144 -9.57 -20.25 3.31
N ASN B 145 -8.44 -20.12 3.99
CA ASN B 145 -7.11 -20.00 3.39
C ASN B 145 -6.31 -21.31 3.33
N THR B 146 -6.89 -22.47 3.58
CA THR B 146 -6.10 -23.71 3.64
C THR B 146 -5.50 -24.07 2.29
N ALA B 147 -6.15 -23.71 1.18
CA ALA B 147 -5.58 -23.79 -0.19
C ALA B 147 -5.11 -25.20 -0.51
N ILE B 148 -5.87 -26.21 -0.13
CA ILE B 148 -5.44 -27.61 -0.36
C ILE B 148 -5.61 -27.92 -1.82
N PRO B 149 -4.58 -28.49 -2.51
CA PRO B 149 -4.72 -28.85 -3.90
C PRO B 149 -5.90 -29.77 -4.19
N GLY B 150 -6.68 -29.43 -5.20
CA GLY B 150 -7.87 -30.21 -5.56
C GLY B 150 -9.12 -29.88 -4.76
N ASP B 151 -9.02 -29.13 -3.68
CA ASP B 151 -10.20 -28.79 -2.85
C ASP B 151 -10.97 -27.66 -3.48
N PRO B 152 -12.23 -27.83 -3.87
CA PRO B 152 -12.96 -26.75 -4.50
C PRO B 152 -13.44 -25.67 -3.53
N ARG B 153 -13.38 -25.88 -2.24
CA ARG B 153 -13.91 -24.87 -1.30
C ARG B 153 -13.17 -23.55 -1.46
N ASP B 154 -13.92 -22.46 -1.41
CA ASP B 154 -13.32 -21.11 -1.34
C ASP B 154 -12.40 -20.87 -2.55
N THR B 155 -12.88 -21.28 -3.72
CA THR B 155 -12.16 -21.11 -4.98
C THR B 155 -13.01 -20.37 -5.99
N THR B 156 -12.31 -19.83 -7.01
CA THR B 156 -12.93 -19.42 -8.25
C THR B 156 -11.94 -19.65 -9.37
N THR B 157 -12.32 -19.28 -10.59
CA THR B 157 -11.38 -19.32 -11.72
C THR B 157 -10.93 -17.92 -12.06
N PRO B 158 -9.77 -17.72 -12.67
CA PRO B 158 -9.38 -16.38 -13.06
C PRO B 158 -10.38 -15.74 -14.01
N ARG B 159 -10.84 -16.48 -14.98
CA ARG B 159 -11.82 -15.92 -15.96
C ARG B 159 -13.05 -15.41 -15.21
N ALA B 160 -13.60 -16.20 -14.31
CA ALA B 160 -14.83 -15.78 -13.62
C ALA B 160 -14.56 -14.58 -12.73
N MET B 161 -13.44 -14.57 -12.02
N MET B 161 -13.43 -14.52 -12.05
CA MET B 161 -13.16 -13.44 -11.10
CA MET B 161 -13.19 -13.40 -11.12
C MET B 161 -12.94 -12.17 -11.93
C MET B 161 -12.85 -12.13 -11.89
N ALA B 162 -12.22 -12.23 -13.03
CA ALA B 162 -11.97 -11.01 -13.82
C ALA B 162 -13.31 -10.45 -14.29
N GLN B 163 -14.16 -11.32 -14.83
CA GLN B 163 -15.50 -10.86 -15.32
C GLN B 163 -16.30 -10.24 -14.16
N THR B 164 -16.31 -10.88 -13.02
CA THR B 164 -17.07 -10.30 -11.92
C THR B 164 -16.45 -8.98 -11.49
N LEU B 165 -15.13 -8.89 -11.36
CA LEU B 165 -14.50 -7.65 -10.92
C LEU B 165 -14.85 -6.55 -11.93
N ARG B 166 -14.86 -6.86 -13.22
CA ARG B 166 -15.28 -5.86 -14.21
C ARG B 166 -16.71 -5.40 -13.89
N GLN B 167 -17.62 -6.34 -13.73
N GLN B 167 -17.63 -6.32 -13.71
CA GLN B 167 -19.04 -5.96 -13.49
CA GLN B 167 -19.04 -5.90 -13.51
C GLN B 167 -19.14 -5.09 -12.24
C GLN B 167 -19.18 -5.10 -12.22
N LEU B 168 -18.43 -5.43 -11.18
CA LEU B 168 -18.54 -4.69 -9.90
C LEU B 168 -17.93 -3.29 -9.99
N THR B 169 -16.82 -3.11 -10.67
CA THR B 169 -16.04 -1.84 -10.62
C THR B 169 -16.29 -0.98 -11.84
N LEU B 170 -16.67 -1.53 -12.96
CA LEU B 170 -16.79 -0.79 -14.23
C LEU B 170 -18.16 -0.96 -14.84
N GLY B 171 -18.92 -1.96 -14.45
CA GLY B 171 -20.27 -2.24 -14.99
C GLY B 171 -21.30 -1.83 -13.96
N HIS B 172 -22.40 -2.58 -13.98
CA HIS B 172 -23.61 -2.18 -13.26
C HIS B 172 -24.11 -3.28 -12.35
N ALA B 173 -23.22 -4.10 -11.83
CA ALA B 173 -23.63 -5.05 -10.77
C ALA B 173 -24.06 -4.32 -9.50
N LEU B 174 -23.47 -3.17 -9.22
CA LEU B 174 -23.81 -2.32 -8.06
C LEU B 174 -24.45 -1.04 -8.57
N GLY B 175 -25.17 -0.35 -7.70
CA GLY B 175 -25.62 1.01 -7.96
C GLY B 175 -24.47 1.97 -8.09
N GLU B 176 -24.70 3.13 -8.68
CA GLU B 176 -23.61 4.07 -9.01
C GLU B 176 -22.82 4.47 -7.76
N THR B 177 -23.46 4.87 -6.70
CA THR B 177 -22.70 5.30 -5.50
C THR B 177 -21.90 4.11 -4.91
N GLN B 178 -22.48 2.96 -4.93
CA GLN B 178 -21.85 1.77 -4.34
C GLN B 178 -20.68 1.33 -5.20
N ARG B 179 -20.82 1.45 -6.51
CA ARG B 179 -19.72 1.12 -7.45
C ARG B 179 -18.54 2.06 -7.18
N ALA B 180 -18.82 3.35 -6.96
CA ALA B 180 -17.77 4.33 -6.67
C ALA B 180 -17.17 4.08 -5.31
N GLN B 181 -17.96 3.67 -4.33
CA GLN B 181 -17.36 3.37 -3.01
C GLN B 181 -16.42 2.18 -3.09
N LEU B 182 -16.80 1.13 -3.80
CA LEU B 182 -15.90 -0.03 -3.96
C LEU B 182 -14.60 0.40 -4.63
N VAL B 183 -14.69 1.15 -5.69
CA VAL B 183 -13.48 1.62 -6.38
C VAL B 183 -12.61 2.46 -5.46
N THR B 184 -13.21 3.39 -4.73
CA THR B 184 -12.42 4.21 -3.79
C THR B 184 -11.73 3.29 -2.79
N TRP B 185 -12.41 2.30 -2.25
CA TRP B 185 -11.76 1.39 -1.27
C TRP B 185 -10.59 0.66 -1.95
N LEU B 186 -10.80 0.08 -3.12
CA LEU B 186 -9.71 -0.68 -3.79
C LEU B 186 -8.53 0.24 -4.11
N LYS B 187 -8.78 1.48 -4.53
CA LYS B 187 -7.68 2.39 -4.86
C LYS B 187 -6.89 2.77 -3.60
N GLY B 188 -7.49 2.69 -2.44
CA GLY B 188 -6.79 2.98 -1.20
C GLY B 188 -6.18 1.79 -0.53
N ASN B 189 -6.10 0.63 -1.22
CA ASN B 189 -5.46 -0.55 -0.64
C ASN B 189 -4.04 -0.23 -0.14
N THR B 190 -3.68 -0.77 1.00
CA THR B 190 -2.31 -0.59 1.54
C THR B 190 -1.40 -1.74 1.19
N THR B 191 -1.88 -2.87 0.73
CA THR B 191 -1.10 -4.13 0.67
C THR B 191 -0.54 -4.46 -0.69
N GLY B 192 -0.73 -3.64 -1.71
CA GLY B 192 -0.61 -4.08 -3.12
C GLY B 192 0.66 -3.71 -3.81
N ALA B 193 1.58 -2.91 -3.26
CA ALA B 193 2.67 -2.35 -4.07
C ALA B 193 3.63 -3.40 -4.62
N ALA B 194 3.76 -4.57 -4.01
CA ALA B 194 4.72 -5.59 -4.49
C ALA B 194 4.09 -6.55 -5.51
N SER B 195 2.77 -6.40 -5.79
CA SER B 195 2.03 -7.47 -6.55
C SER B 195 1.78 -6.90 -7.93
N ILE B 196 0.55 -6.95 -8.46
CA ILE B 196 0.33 -6.53 -9.85
C ILE B 196 0.92 -5.14 -10.08
N ARG B 197 0.71 -4.20 -9.18
CA ARG B 197 1.16 -2.85 -9.59
C ARG B 197 2.68 -2.74 -9.68
N ALA B 198 3.44 -3.62 -9.09
CA ALA B 198 4.92 -3.54 -9.27
C ALA B 198 5.28 -3.88 -10.71
N GLY B 199 4.46 -4.59 -11.47
CA GLY B 199 4.77 -4.93 -12.87
C GLY B 199 4.32 -3.89 -13.85
N LEU B 200 3.63 -2.82 -13.40
CA LEU B 200 2.98 -1.88 -14.35
C LEU B 200 3.72 -0.55 -14.28
N PRO B 201 3.59 0.26 -15.35
CA PRO B 201 4.15 1.59 -15.29
C PRO B 201 3.58 2.36 -14.10
N THR B 202 4.43 3.18 -13.53
CA THR B 202 4.10 3.89 -12.27
C THR B 202 3.01 4.93 -12.51
N SER B 203 2.87 5.45 -13.72
CA SER B 203 1.83 6.43 -14.07
C SER B 203 0.43 5.82 -14.04
N TRP B 204 0.27 4.49 -14.16
CA TRP B 204 -1.08 3.89 -14.23
C TRP B 204 -1.69 3.87 -12.84
N THR B 205 -2.98 4.04 -12.76
CA THR B 205 -3.73 4.01 -11.48
C THR B 205 -4.24 2.56 -11.28
N VAL B 206 -4.07 2.05 -10.05
CA VAL B 206 -4.47 0.65 -9.70
C VAL B 206 -5.36 0.69 -8.47
N GLY B 207 -6.41 -0.08 -8.49
CA GLY B 207 -7.11 -0.51 -7.29
C GLY B 207 -7.06 -2.01 -7.17
N ASP B 208 -6.73 -2.58 -6.04
CA ASP B 208 -6.50 -4.04 -6.04
C ASP B 208 -6.81 -4.61 -4.68
N LYS B 209 -6.93 -5.92 -4.62
CA LYS B 209 -7.00 -6.67 -3.38
C LYS B 209 -6.11 -7.91 -3.48
N THR B 210 -5.16 -8.02 -2.57
CA THR B 210 -4.23 -9.15 -2.51
C THR B 210 -4.83 -10.28 -1.68
N GLY B 211 -4.18 -11.43 -1.77
CA GLY B 211 -4.44 -12.52 -0.83
C GLY B 211 -3.25 -13.46 -0.75
N SER B 212 -3.17 -14.15 0.39
CA SER B 212 -2.06 -15.10 0.66
C SER B 212 -2.58 -16.19 1.59
N GLY B 213 -2.08 -17.42 1.43
CA GLY B 213 -2.53 -18.53 2.26
C GLY B 213 -1.49 -19.62 2.19
N ASP B 214 -2.00 -20.86 2.66
CA ASP B 214 -1.06 -22.00 2.66
C ASP B 214 -0.69 -22.38 1.24
N TYR B 215 0.22 -23.31 1.09
CA TYR B 215 0.76 -23.71 -0.21
C TYR B 215 1.34 -22.49 -0.94
N GLY B 216 1.88 -21.54 -0.15
CA GLY B 216 2.53 -20.38 -0.76
C GLY B 216 1.60 -19.61 -1.71
N THR B 217 0.31 -19.67 -1.42
CA THR B 217 -0.70 -19.05 -2.31
C THR B 217 -0.50 -17.53 -2.25
N THR B 218 -0.41 -16.95 -3.41
CA THR B 218 -0.11 -15.50 -3.55
C THR B 218 -0.98 -15.00 -4.67
N ASN B 219 -1.90 -14.08 -4.34
CA ASN B 219 -2.95 -13.66 -5.26
C ASN B 219 -3.08 -12.16 -5.35
N ASP B 220 -3.62 -11.65 -6.44
CA ASP B 220 -4.00 -10.23 -6.55
C ASP B 220 -5.06 -10.11 -7.62
N ILE B 221 -6.04 -9.27 -7.36
CA ILE B 221 -7.08 -8.94 -8.38
C ILE B 221 -7.14 -7.43 -8.45
N ALA B 222 -7.12 -6.90 -9.64
CA ALA B 222 -6.93 -5.46 -9.86
C ALA B 222 -7.80 -4.90 -10.96
N VAL B 223 -8.17 -3.63 -10.79
N VAL B 223 -8.24 -3.66 -10.76
CA VAL B 223 -8.69 -2.81 -11.90
CA VAL B 223 -8.76 -2.78 -11.85
C VAL B 223 -7.65 -1.73 -12.11
C VAL B 223 -7.71 -1.69 -12.10
N ILE B 224 -7.35 -1.46 -13.37
CA ILE B 224 -6.17 -0.69 -13.77
C ILE B 224 -6.62 0.37 -14.76
N TRP B 225 -6.21 1.61 -14.47
CA TRP B 225 -6.48 2.77 -15.34
C TRP B 225 -5.16 3.15 -15.99
N PRO B 226 -4.84 2.62 -17.20
CA PRO B 226 -3.59 2.95 -17.91
C PRO B 226 -3.59 4.40 -18.41
N GLN B 227 -2.44 5.01 -18.51
CA GLN B 227 -2.43 6.40 -19.00
C GLN B 227 -2.88 6.40 -20.48
N GLY B 228 -3.93 7.11 -20.73
CA GLY B 228 -4.40 7.44 -22.08
C GLY B 228 -5.18 6.31 -22.75
N ARG B 229 -5.66 5.32 -21.99
CA ARG B 229 -6.52 4.29 -22.63
C ARG B 229 -7.47 3.70 -21.59
N ALA B 230 -8.39 2.92 -22.11
CA ALA B 230 -9.50 2.36 -21.32
C ALA B 230 -8.95 1.42 -20.22
N PRO B 231 -9.76 1.21 -19.16
CA PRO B 231 -9.31 0.35 -18.06
C PRO B 231 -9.14 -1.12 -18.42
N LEU B 232 -8.28 -1.75 -17.66
CA LEU B 232 -8.03 -3.21 -17.69
C LEU B 232 -8.54 -3.80 -16.39
N VAL B 233 -8.92 -5.05 -16.42
CA VAL B 233 -9.12 -5.88 -15.21
C VAL B 233 -8.15 -7.02 -15.29
N LEU B 234 -7.41 -7.27 -14.22
CA LEU B 234 -6.37 -8.32 -14.22
C LEU B 234 -6.48 -9.13 -12.96
N VAL B 235 -6.56 -10.44 -13.09
CA VAL B 235 -6.50 -11.39 -11.97
C VAL B 235 -5.24 -12.22 -12.13
N THR B 236 -4.43 -12.32 -11.08
CA THR B 236 -3.24 -13.19 -11.06
C THR B 236 -3.32 -14.02 -9.82
N TYR B 237 -3.46 -15.32 -9.96
CA TYR B 237 -3.52 -16.29 -8.87
CA TYR B 237 -3.49 -16.26 -8.85
C TYR B 237 -2.29 -17.20 -8.97
N PHE B 238 -1.73 -17.55 -7.83
CA PHE B 238 -0.49 -18.37 -7.85
C PHE B 238 -0.52 -19.27 -6.64
N THR B 239 -0.21 -20.56 -6.82
CA THR B 239 -0.12 -21.47 -5.67
C THR B 239 0.98 -22.51 -5.97
N GLN B 240 1.47 -23.13 -4.89
CA GLN B 240 2.76 -23.86 -4.98
C GLN B 240 2.58 -25.28 -4.45
N PRO B 241 3.55 -26.19 -4.73
CA PRO B 241 3.35 -27.58 -4.30
C PRO B 241 3.51 -27.87 -2.80
N GLN B 242 4.26 -27.06 -2.11
CA GLN B 242 4.60 -27.34 -0.67
C GLN B 242 3.69 -26.57 0.26
N GLN B 243 3.09 -27.19 1.25
CA GLN B 243 2.11 -26.54 2.14
C GLN B 243 2.76 -25.32 2.79
N ASN B 244 4.04 -25.38 3.09
CA ASN B 244 4.76 -24.31 3.83
C ASN B 244 5.51 -23.36 2.90
N ALA B 245 5.22 -23.34 1.60
CA ALA B 245 5.97 -22.51 0.64
C ALA B 245 5.85 -21.02 1.00
N GLU B 246 6.88 -20.29 0.62
CA GLU B 246 6.94 -18.83 0.85
C GLU B 246 6.04 -18.09 -0.18
N SER B 247 5.62 -16.89 0.19
CA SER B 247 4.89 -16.04 -0.77
C SER B 247 5.77 -15.62 -1.93
N ARG B 248 5.21 -15.45 -3.13
CA ARG B 248 5.92 -15.06 -4.35
C ARG B 248 5.17 -13.89 -5.00
N ARG B 249 5.11 -12.74 -4.35
N ARG B 249 5.11 -12.75 -4.33
CA ARG B 249 4.47 -11.57 -4.96
CA ARG B 249 4.47 -11.56 -4.94
C ARG B 249 5.19 -11.16 -6.25
C ARG B 249 5.18 -11.16 -6.23
N ASP B 250 6.49 -11.44 -6.34
CA ASP B 250 7.26 -11.14 -7.57
C ASP B 250 6.70 -11.86 -8.81
N VAL B 251 6.14 -13.03 -8.62
CA VAL B 251 5.53 -13.79 -9.74
C VAL B 251 4.35 -13.03 -10.30
N LEU B 252 3.54 -12.47 -9.39
CA LEU B 252 2.36 -11.68 -9.84
C LEU B 252 2.82 -10.44 -10.59
N ALA B 253 3.82 -9.75 -10.02
CA ALA B 253 4.38 -8.55 -10.67
C ALA B 253 4.92 -8.90 -12.07
N SER B 254 5.60 -10.06 -12.17
CA SER B 254 6.19 -10.53 -13.46
C SER B 254 5.05 -10.82 -14.46
N ALA B 255 3.97 -11.45 -14.02
CA ALA B 255 2.79 -11.75 -14.90
C ALA B 255 2.20 -10.46 -15.39
N ALA B 256 2.04 -9.46 -14.51
CA ALA B 256 1.51 -8.14 -14.87
C ALA B 256 2.43 -7.44 -15.91
N ARG B 257 3.73 -7.57 -15.67
CA ARG B 257 4.71 -6.95 -16.63
C ARG B 257 4.58 -7.59 -18.01
N ILE B 258 4.42 -8.89 -18.07
CA ILE B 258 4.26 -9.59 -19.38
C ILE B 258 3.02 -9.08 -20.05
N ILE B 259 1.92 -8.98 -19.33
CA ILE B 259 0.59 -8.53 -19.84
C ILE B 259 0.76 -7.12 -20.37
N ALA B 260 1.45 -6.25 -19.63
CA ALA B 260 1.56 -4.81 -19.95
C ALA B 260 2.43 -4.62 -21.21
N GLU B 261 3.45 -5.47 -21.38
CA GLU B 261 4.32 -5.52 -22.60
C GLU B 261 3.50 -5.87 -23.84
N GLY B 262 2.54 -6.79 -23.69
CA GLY B 262 1.72 -7.38 -24.78
C GLY B 262 0.57 -6.49 -25.22
N LEU B 263 0.36 -5.34 -24.58
CA LEU B 263 -0.62 -4.31 -25.02
C LEU B 263 -0.02 -3.54 -26.21
O5 X57 C . 8.84 12.24 -8.03
C9 X57 C . 9.56 11.29 -7.74
N2 X57 C . 10.81 11.19 -8.24
C1 X57 C . 9.03 10.20 -6.84
C2 X57 C . 8.28 9.24 -7.76
C3 X57 C . 6.96 8.91 -7.56
C8 X57 C . 6.25 7.95 -8.54
C4 X57 C . 6.18 9.45 -6.36
C5 X57 C . 6.63 10.85 -5.88
N X57 C . 8.17 10.63 -5.70
C X57 C . 8.67 10.64 -4.46
O X57 C . 9.80 10.14 -4.26
N1 X57 C . 6.49 8.54 -5.20
O2 X57 C . 5.72 7.42 -5.34
C6 X57 C . 6.11 6.43 -4.45
F X57 C . 5.80 6.78 -3.22
C7 X57 C . 7.59 6.24 -4.55
O4 X57 C . 8.15 6.21 -5.64
O3 X57 C . 8.33 6.09 -3.45
P PO4 D . 19.12 13.37 20.30
O1 PO4 D . 18.07 14.35 20.83
O2 PO4 D . 18.30 12.37 20.07
O3 PO4 D . 19.77 13.74 18.94
O4 PO4 D . 20.13 12.82 21.25
P PO4 E . 20.26 26.66 11.66
O1 PO4 E . 18.77 27.03 11.41
O2 PO4 E . 20.45 26.02 13.07
O3 PO4 E . 21.13 27.92 11.50
O4 PO4 E . 20.67 25.57 10.63
O5 X57 F . -5.33 -14.96 6.25
C9 X57 F . -4.59 -15.13 5.38
N2 X57 F . -4.04 -16.32 5.17
C1 X57 F . -4.13 -13.92 4.59
C2 X57 F . -2.92 -13.31 5.23
C3 X57 F . -2.90 -12.00 5.58
C8 X57 F . -1.67 -11.45 6.25
C4 X57 F . -4.11 -11.07 5.32
C5 X57 F . -5.45 -11.79 5.31
N X57 F . -5.13 -12.90 4.30
C X57 F . -5.69 -12.90 3.11
O X57 F . -5.24 -13.56 2.16
N1 X57 F . -3.88 -10.49 3.96
O2 X57 F . -2.93 -9.58 3.98
C6 X57 F . -2.48 -9.22 2.72
F X57 F . -3.43 -8.61 2.05
C7 X57 F . -2.07 -10.47 1.98
O4 X57 F . -1.44 -11.34 2.56
O3 X57 F . -2.38 -10.63 0.70
P PO4 G . -27.30 6.48 -2.80
O1 PO4 G . -28.78 7.09 -2.79
O2 PO4 G . -26.91 5.81 -1.44
O3 PO4 G . -26.33 7.65 -3.10
O4 PO4 G . -27.21 5.38 -3.90
P PO4 H . -26.81 15.03 -6.83
O1 PO4 H . -28.04 15.93 -7.02
O2 PO4 H . -26.11 15.41 -5.53
O3 PO4 H . -27.26 13.57 -6.75
O4 PO4 H . -25.84 15.20 -8.01
P PO4 I . -25.75 -6.87 -13.71
O1 PO4 I . -27.22 -6.76 -13.25
O2 PO4 I . -24.92 -5.63 -13.38
O3 PO4 I . -25.69 -7.13 -15.23
O4 PO4 I . -25.23 -8.09 -12.94
#